data_7UFC
#
_entry.id   7UFC
#
_cell.length_a   77.609
_cell.length_b   103.000
_cell.length_c   128.410
_cell.angle_alpha   90.00
_cell.angle_beta   90.00
_cell.angle_gamma   90.00
#
_symmetry.space_group_name_H-M   'I 2 2 2'
#
loop_
_entity.id
_entity.type
_entity.pdbx_description
1 polymer 'Cytochrome P450 3A4'
2 non-polymer 'PROTOPORPHYRIN IX CONTAINING FE'
3 non-polymer (2R)-3-phenyl-2-({(2S)-3-phenyl-2-[3-(pyridin-3-yl)propanamido]propyl}sulfanyl)-N-[2-(pyridin-3-yl)ethyl]propanamide
4 water water
#
_entity_poly.entity_id   1
_entity_poly.type   'polypeptide(L)'
_entity_poly.pdbx_seq_one_letter_code
;MAYLYGTHSHGLFKKLGIPGPTPLPFLGNILSYHKGFCMFDMECHKKYGKVWGFYDGQQPVLAITDPDMIKTVLVKECYS
VFTNRRPFGPVGFMKSAISIAEDEEWKRLRSLLSPTFTSGKLKEMVPIIAQYGDVLVRNLRREAETGKPVTLKDVFGAYS
MDVITSTSFGVNIDSLNNPQDPFVENTKKLLRFDFLDPFFLSITVFPFLIPILEVLNICVFPREVTNFLRKSVKRMKESR
LEDTQKHRVDFLQLMIDSQNSKETESHKALSDLELVAQSIIFIFAGYETTSSVLSFIMYELATHPDVQQKLQEEIDAVLP
NKAPPTYDTVLQMEYLDMVVNETLRLFPIAMRLERVCKKDVEINGMFIPKGVVVMIPSYALHRDPKYWTEPEKFLPERFS
KKNKDNIDPYIYTPFGSGPRNCIGMRFALMNMKLALIRVLQNFSFKPCKETQIPLKLSLGGLLQPEKPVVLKVESRDGTV
SGAHHHH
;
_entity_poly.pdbx_strand_id   A
#
loop_
_chem_comp.id
_chem_comp.type
_chem_comp.name
_chem_comp.formula
HEM non-polymer 'PROTOPORPHYRIN IX CONTAINING FE' 'C34 H32 Fe N4 O4'
NJO non-polymer (2R)-3-phenyl-2-({(2S)-3-phenyl-2-[3-(pyridin-3-yl)propanamido]propyl}sulfanyl)-N-[2-(pyridin-3-yl)ethyl]propanamide 'C33 H36 N4 O2 S'
#
# COMPACT_ATOMS: atom_id res chain seq x y z
N THR A 7 9.07 8.29 31.79
CA THR A 7 7.69 8.76 31.81
C THR A 7 7.62 10.27 31.78
N HIS A 8 8.31 10.88 30.82
CA HIS A 8 8.31 12.34 30.71
C HIS A 8 6.93 12.86 30.32
N SER A 9 6.39 12.36 29.20
CA SER A 9 5.08 12.77 28.72
C SER A 9 4.03 11.68 28.91
N HIS A 10 4.26 10.74 29.83
CA HIS A 10 3.37 9.61 30.02
C HIS A 10 2.16 9.93 30.88
N GLY A 11 2.02 11.16 31.37
CA GLY A 11 0.87 11.57 32.14
C GLY A 11 -0.13 12.43 31.41
N LEU A 12 -0.03 12.53 30.08
CA LEU A 12 -0.91 13.42 29.32
C LEU A 12 -2.32 12.87 29.20
N PHE A 13 -2.44 11.60 28.80
CA PHE A 13 -3.76 11.02 28.58
C PHE A 13 -4.52 10.85 29.89
N LYS A 14 -3.81 10.50 30.96
CA LYS A 14 -4.43 10.42 32.28
C LYS A 14 -5.00 11.76 32.71
N LYS A 15 -4.35 12.86 32.32
CA LYS A 15 -4.86 14.19 32.64
C LYS A 15 -6.17 14.47 31.90
N LEU A 16 -6.16 14.28 30.57
CA LEU A 16 -7.32 14.57 29.74
C LEU A 16 -8.51 13.65 30.03
N GLY A 17 -8.32 12.60 30.83
CA GLY A 17 -9.37 11.64 31.04
C GLY A 17 -9.53 10.61 29.94
N ILE A 18 -8.60 10.58 28.99
CA ILE A 18 -8.67 9.62 27.89
C ILE A 18 -8.16 8.26 28.40
N PRO A 19 -8.87 7.17 28.14
CA PRO A 19 -8.44 5.87 28.64
C PRO A 19 -7.35 5.26 27.76
N GLY A 20 -6.64 4.30 28.35
CA GLY A 20 -5.58 3.60 27.66
C GLY A 20 -4.79 2.69 28.57
N PRO A 21 -4.06 1.76 27.98
CA PRO A 21 -3.25 0.83 28.78
C PRO A 21 -2.08 1.56 29.45
N THR A 22 -1.63 0.97 30.56
CA THR A 22 -0.61 1.58 31.38
C THR A 22 0.76 1.47 30.69
N PRO A 23 1.47 2.59 30.52
CA PRO A 23 2.78 2.53 29.87
C PRO A 23 3.93 2.29 30.84
N LEU A 24 4.82 1.37 30.49
CA LEU A 24 6.03 1.17 31.27
C LEU A 24 6.97 2.36 31.06
N PRO A 25 7.88 2.61 32.02
CA PRO A 25 8.87 3.67 31.83
C PRO A 25 9.72 3.43 30.59
N PHE A 26 9.96 4.49 29.83
CA PHE A 26 10.79 4.48 28.62
C PHE A 26 10.15 3.64 27.51
N LEU A 27 9.84 2.38 27.79
CA LEU A 27 9.24 1.52 26.76
C LEU A 27 7.83 1.96 26.37
N GLY A 28 7.04 2.43 27.32
CA GLY A 28 5.67 2.76 27.00
C GLY A 28 4.85 1.50 26.81
N ASN A 29 4.10 1.44 25.71
CA ASN A 29 3.22 0.31 25.43
C ASN A 29 3.77 -0.60 24.34
N ILE A 30 5.07 -0.51 24.03
CA ILE A 30 5.62 -1.23 22.89
C ILE A 30 5.66 -2.74 23.12
N LEU A 31 5.63 -3.20 24.37
CA LEU A 31 5.62 -4.63 24.61
C LEU A 31 4.32 -5.29 24.14
N SER A 32 3.27 -4.50 23.92
CA SER A 32 2.00 -5.00 23.44
C SER A 32 2.01 -5.31 21.94
N TYR A 33 3.04 -4.87 21.21
CA TYR A 33 3.16 -5.16 19.79
C TYR A 33 3.63 -6.58 19.51
N HIS A 34 3.77 -7.42 20.54
CA HIS A 34 4.20 -8.80 20.34
C HIS A 34 3.18 -9.59 19.51
N LYS A 35 1.93 -9.13 19.46
CA LYS A 35 0.93 -9.74 18.59
C LYS A 35 0.79 -9.03 17.25
N GLY A 36 1.27 -7.81 17.13
CA GLY A 36 1.21 -7.05 15.91
C GLY A 36 0.31 -5.83 16.02
N PHE A 37 0.45 -4.93 15.03
CA PHE A 37 -0.39 -3.75 14.96
C PHE A 37 -1.86 -4.13 14.95
N CYS A 38 -2.24 -5.03 14.03
CA CYS A 38 -3.65 -5.28 13.77
C CYS A 38 -4.42 -5.73 15.00
N MET A 39 -3.74 -6.37 15.96
CA MET A 39 -4.39 -7.00 17.10
C MET A 39 -4.38 -6.14 18.35
N PHE A 40 -3.27 -5.43 18.62
CA PHE A 40 -3.27 -4.43 19.66
C PHE A 40 -4.32 -3.35 19.38
N ASP A 41 -4.66 -3.14 18.10
CA ASP A 41 -5.67 -2.17 17.74
C ASP A 41 -7.08 -2.71 17.99
N MET A 42 -7.35 -3.96 17.61
CA MET A 42 -8.68 -4.54 17.82
CA MET A 42 -8.68 -4.52 17.82
C MET A 42 -9.01 -4.62 19.31
N GLU A 43 -8.03 -5.03 20.13
CA GLU A 43 -8.26 -5.12 21.56
C GLU A 43 -8.48 -3.75 22.18
N CYS A 44 -7.73 -2.74 21.74
CA CYS A 44 -7.90 -1.41 22.28
C CYS A 44 -9.24 -0.80 21.86
N HIS A 45 -9.68 -1.08 20.63
CA HIS A 45 -11.03 -0.70 20.22
C HIS A 45 -12.08 -1.34 21.12
N LYS A 46 -11.76 -2.49 21.70
CA LYS A 46 -12.70 -3.22 22.55
C LYS A 46 -12.72 -2.63 23.96
N LYS A 47 -11.57 -2.57 24.63
CA LYS A 47 -11.53 -2.19 26.04
C LYS A 47 -11.98 -0.76 26.27
N TYR A 48 -11.70 0.14 25.32
CA TYR A 48 -11.79 1.57 25.60
C TYR A 48 -12.86 2.32 24.81
N GLY A 49 -13.30 1.82 23.67
CA GLY A 49 -14.39 2.44 22.96
C GLY A 49 -14.01 3.22 21.71
N LYS A 50 -14.53 4.44 21.58
CA LYS A 50 -14.37 5.22 20.36
C LYS A 50 -13.08 6.03 20.31
N VAL A 51 -12.47 6.32 21.46
CA VAL A 51 -11.27 7.14 21.53
C VAL A 51 -10.41 6.64 22.69
N TRP A 52 -9.12 6.43 22.44
CA TRP A 52 -8.18 6.03 23.48
C TRP A 52 -6.79 6.50 23.08
N GLY A 53 -5.81 6.19 23.93
CA GLY A 53 -4.45 6.63 23.68
C GLY A 53 -3.44 5.66 24.24
N PHE A 54 -2.20 5.81 23.79
CA PHE A 54 -1.09 4.97 24.22
C PHE A 54 0.20 5.68 23.85
N TYR A 55 1.33 5.04 24.15
CA TYR A 55 2.64 5.66 24.03
C TYR A 55 3.59 4.74 23.28
N ASP A 56 4.03 5.19 22.10
CA ASP A 56 5.14 4.54 21.38
C ASP A 56 6.42 5.13 21.94
N GLY A 57 6.95 4.50 22.99
CA GLY A 57 8.05 5.08 23.74
C GLY A 57 7.57 6.27 24.55
N GLN A 58 8.11 7.45 24.25
CA GLN A 58 7.64 8.69 24.86
C GLN A 58 6.69 9.45 23.95
N GLN A 59 6.32 8.87 22.80
CA GLN A 59 5.46 9.55 21.84
C GLN A 59 4.01 9.19 22.11
N PRO A 60 3.16 10.14 22.51
CA PRO A 60 1.74 9.83 22.75
C PRO A 60 1.00 9.69 21.43
N VAL A 61 0.18 8.64 21.32
CA VAL A 61 -0.59 8.35 20.12
C VAL A 61 -2.06 8.29 20.51
N LEU A 62 -2.88 9.12 19.85
CA LEU A 62 -4.31 9.21 20.12
C LEU A 62 -5.06 8.52 18.99
N ALA A 63 -5.70 7.39 19.30
CA ALA A 63 -6.54 6.70 18.34
C ALA A 63 -7.94 7.31 18.33
N ILE A 64 -8.53 7.38 17.14
CA ILE A 64 -9.88 7.89 16.95
C ILE A 64 -10.64 6.95 16.01
N THR A 65 -11.90 6.67 16.35
CA THR A 65 -12.73 5.77 15.54
C THR A 65 -14.09 6.35 15.22
N ASP A 66 -14.30 7.66 15.46
CA ASP A 66 -15.59 8.25 15.10
C ASP A 66 -15.53 8.80 13.68
N PRO A 67 -16.48 8.41 12.81
CA PRO A 67 -16.37 8.80 11.39
C PRO A 67 -16.34 10.31 11.17
N ASP A 68 -17.14 11.07 11.90
CA ASP A 68 -17.12 12.53 11.72
C ASP A 68 -15.82 13.14 12.21
N MET A 69 -15.17 12.51 13.20
CA MET A 69 -13.90 13.02 13.69
C MET A 69 -12.77 12.66 12.74
N ILE A 70 -12.91 11.57 11.99
CA ILE A 70 -11.89 11.18 11.02
C ILE A 70 -11.86 12.15 9.85
N LYS A 71 -13.03 12.61 9.41
CA LYS A 71 -13.08 13.51 8.25
C LYS A 71 -12.39 14.84 8.56
N THR A 72 -12.52 15.34 9.78
CA THR A 72 -11.84 16.58 10.16
C THR A 72 -10.33 16.42 10.09
N VAL A 73 -9.81 15.27 10.52
CA VAL A 73 -8.37 15.06 10.51
C VAL A 73 -7.85 14.90 9.10
N LEU A 74 -8.50 14.04 8.30
CA LEU A 74 -7.98 13.69 6.99
C LEU A 74 -8.29 14.74 5.92
N VAL A 75 -9.38 15.50 6.10
CA VAL A 75 -9.85 16.41 5.06
C VAL A 75 -9.88 17.86 5.56
N LYS A 76 -10.80 18.15 6.48
CA LYS A 76 -11.06 19.53 6.92
C LYS A 76 -9.81 20.22 7.44
N GLU A 77 -9.35 19.85 8.63
CA GLU A 77 -8.15 20.45 9.22
C GLU A 77 -6.88 19.77 8.75
N CYS A 78 -6.82 19.37 7.47
CA CYS A 78 -5.62 18.71 6.96
C CYS A 78 -4.48 19.70 6.76
N TYR A 79 -4.75 20.79 6.02
CA TYR A 79 -3.71 21.78 5.78
C TYR A 79 -3.40 22.57 7.05
N SER A 80 -4.41 22.83 7.87
CA SER A 80 -4.21 23.69 9.03
C SER A 80 -3.59 22.94 10.20
N VAL A 81 -3.95 21.68 10.39
CA VAL A 81 -3.55 20.96 11.60
C VAL A 81 -2.79 19.69 11.26
N PHE A 82 -3.50 18.69 10.73
CA PHE A 82 -2.95 17.35 10.55
C PHE A 82 -2.45 17.20 9.11
N THR A 83 -1.27 17.75 8.86
CA THR A 83 -0.68 17.82 7.52
C THR A 83 0.37 16.74 7.28
N ASN A 84 1.17 16.40 8.29
CA ASN A 84 2.33 15.53 8.14
C ASN A 84 2.09 14.17 8.78
N ARG A 85 2.86 13.19 8.33
CA ARG A 85 2.82 11.84 8.87
C ARG A 85 3.81 11.70 10.02
N ARG A 86 3.73 10.57 10.69
CA ARG A 86 4.64 10.29 11.80
C ARG A 86 6.08 10.31 11.31
N PRO A 87 6.95 11.13 11.87
CA PRO A 87 8.34 11.17 11.41
C PRO A 87 9.04 9.84 11.64
N PHE A 88 10.01 9.56 10.77
CA PHE A 88 10.83 8.37 10.92
C PHE A 88 12.07 8.56 10.07
N GLY A 89 13.16 7.92 10.49
CA GLY A 89 14.40 8.02 9.77
C GLY A 89 15.41 6.98 10.24
N PRO A 90 16.68 7.15 9.84
CA PRO A 90 17.16 8.22 8.96
C PRO A 90 16.79 8.00 7.49
N VAL A 91 16.39 9.06 6.80
CA VAL A 91 15.89 8.95 5.44
C VAL A 91 16.85 9.52 4.40
N GLY A 92 17.84 10.30 4.80
CA GLY A 92 18.79 10.83 3.83
C GLY A 92 18.13 11.75 2.84
N PHE A 93 18.48 11.57 1.56
CA PHE A 93 17.91 12.41 0.51
C PHE A 93 16.44 12.09 0.23
N MET A 94 15.95 10.94 0.71
CA MET A 94 14.54 10.61 0.54
C MET A 94 13.61 11.51 1.34
N LYS A 95 14.16 12.52 2.03
CA LYS A 95 13.33 13.58 2.60
C LYS A 95 12.52 14.30 1.54
N SER A 96 12.96 14.24 0.28
CA SER A 96 12.29 14.91 -0.83
C SER A 96 11.21 14.04 -1.47
N ALA A 97 10.98 12.83 -0.97
CA ALA A 97 9.87 12.02 -1.47
C ALA A 97 8.55 12.60 -0.97
N ILE A 98 7.52 12.49 -1.80
CA ILE A 98 6.23 13.10 -1.48
C ILE A 98 5.62 12.44 -0.24
N SER A 99 5.72 11.12 -0.13
CA SER A 99 5.16 10.42 1.03
C SER A 99 5.88 10.77 2.33
N ILE A 100 7.04 11.42 2.24
CA ILE A 100 7.83 11.76 3.41
C ILE A 100 7.89 13.26 3.66
N ALA A 101 7.88 14.08 2.61
CA ALA A 101 8.00 15.53 2.77
C ALA A 101 6.84 16.06 3.62
N GLU A 102 7.08 17.23 4.22
CA GLU A 102 6.16 17.80 5.18
C GLU A 102 5.70 19.18 4.75
N ASP A 103 4.51 19.57 5.24
CA ASP A 103 4.00 20.98 5.16
C ASP A 103 4.06 21.48 3.74
N GLU A 104 4.85 22.54 3.53
CA GLU A 104 4.90 23.30 2.26
C GLU A 104 5.76 22.57 1.20
N GLU A 105 6.86 21.92 1.57
CA GLU A 105 7.58 21.13 0.59
C GLU A 105 6.71 20.01 0.04
N TRP A 106 5.85 19.43 0.87
CA TRP A 106 4.94 18.40 0.40
C TRP A 106 3.92 18.96 -0.58
N LYS A 107 3.30 20.08 -0.23
CA LYS A 107 2.27 20.66 -1.08
C LYS A 107 2.82 21.05 -2.45
N ARG A 108 4.09 21.44 -2.52
CA ARG A 108 4.72 21.71 -3.80
C ARG A 108 4.93 20.42 -4.59
N LEU A 109 5.31 19.33 -3.91
CA LEU A 109 5.53 18.07 -4.59
C LEU A 109 4.23 17.43 -5.04
N ARG A 110 3.18 17.53 -4.21
CA ARG A 110 1.88 17.00 -4.58
C ARG A 110 1.31 17.71 -5.80
N SER A 111 1.63 18.98 -5.99
CA SER A 111 1.15 19.71 -7.16
C SER A 111 1.92 19.30 -8.41
N LEU A 112 3.24 19.11 -8.29
CA LEU A 112 4.05 18.79 -9.46
C LEU A 112 3.83 17.36 -9.95
N LEU A 113 3.30 16.47 -9.10
CA LEU A 113 3.11 15.08 -9.47
C LEU A 113 1.66 14.67 -9.62
N SER A 114 0.72 15.55 -9.28
CA SER A 114 -0.70 15.20 -9.47
C SER A 114 -1.09 14.98 -10.93
N PRO A 115 -0.67 15.81 -11.90
CA PRO A 115 -1.02 15.53 -13.29
C PRO A 115 -0.45 14.21 -13.80
N THR A 116 0.60 13.70 -13.16
CA THR A 116 1.17 12.42 -13.56
C THR A 116 0.19 11.26 -13.34
N PHE A 117 -0.78 11.42 -12.44
CA PHE A 117 -1.68 10.34 -12.06
C PHE A 117 -3.12 10.63 -12.43
N THR A 118 -3.34 11.42 -13.48
CA THR A 118 -4.70 11.64 -13.95
C THR A 118 -5.20 10.42 -14.73
N SER A 119 -6.52 10.36 -14.91
CA SER A 119 -7.11 9.27 -15.69
C SER A 119 -6.69 9.32 -17.15
N GLY A 120 -6.29 10.51 -17.64
CA GLY A 120 -5.84 10.60 -19.02
C GLY A 120 -4.51 9.92 -19.25
N LYS A 121 -3.55 10.17 -18.37
CA LYS A 121 -2.24 9.53 -18.48
C LYS A 121 -2.33 8.03 -18.22
N LEU A 122 -3.22 7.61 -17.32
CA LEU A 122 -3.37 6.19 -17.03
C LEU A 122 -3.88 5.41 -18.25
N LYS A 123 -4.75 6.04 -19.05
CA LYS A 123 -5.28 5.37 -20.23
C LYS A 123 -4.20 5.12 -21.27
N GLU A 124 -3.18 5.98 -21.33
CA GLU A 124 -2.08 5.79 -22.26
C GLU A 124 -1.10 4.71 -21.79
N MET A 125 -1.10 4.39 -20.49
CA MET A 125 -0.26 3.34 -19.94
C MET A 125 -0.87 1.95 -20.06
N VAL A 126 -2.15 1.85 -20.43
CA VAL A 126 -2.82 0.55 -20.42
C VAL A 126 -2.24 -0.43 -21.43
N PRO A 127 -2.06 -0.08 -22.71
CA PRO A 127 -1.50 -1.08 -23.65
C PRO A 127 -0.11 -1.55 -23.25
N ILE A 128 0.64 -0.74 -22.52
CA ILE A 128 1.95 -1.17 -22.05
C ILE A 128 1.79 -2.21 -20.94
N ILE A 129 0.95 -1.92 -19.94
CA ILE A 129 0.74 -2.84 -18.83
C ILE A 129 0.09 -4.13 -19.32
N ALA A 130 -0.77 -4.04 -20.33
CA ALA A 130 -1.45 -5.24 -20.82
C ALA A 130 -0.49 -6.22 -21.46
N GLN A 131 0.63 -5.74 -22.01
CA GLN A 131 1.59 -6.64 -22.64
C GLN A 131 2.18 -7.61 -21.63
N TYR A 132 2.43 -7.14 -20.41
CA TYR A 132 2.99 -8.00 -19.38
C TYR A 132 1.95 -8.90 -18.74
N GLY A 133 0.66 -8.65 -18.96
CA GLY A 133 -0.34 -9.65 -18.67
C GLY A 133 -0.16 -10.90 -19.53
N ASP A 134 0.19 -10.71 -20.80
CA ASP A 134 0.46 -11.84 -21.68
C ASP A 134 1.70 -12.60 -21.23
N VAL A 135 2.76 -11.86 -20.85
CA VAL A 135 3.96 -12.50 -20.32
C VAL A 135 3.65 -13.25 -19.03
N LEU A 136 2.71 -12.74 -18.25
CA LEU A 136 2.30 -13.44 -17.03
C LEU A 136 1.63 -14.78 -17.34
N VAL A 137 0.91 -14.86 -18.46
CA VAL A 137 0.19 -16.08 -18.80
C VAL A 137 1.17 -17.18 -19.20
N ARG A 138 2.11 -16.86 -20.09
CA ARG A 138 3.04 -17.87 -20.58
C ARG A 138 3.90 -18.43 -19.45
N ASN A 139 4.32 -17.59 -18.51
CA ASN A 139 5.10 -18.06 -17.38
C ASN A 139 4.24 -18.87 -16.41
N LEU A 140 2.93 -18.62 -16.38
CA LEU A 140 2.04 -19.41 -15.54
C LEU A 140 1.63 -20.70 -16.23
N ARG A 141 1.55 -20.69 -17.56
CA ARG A 141 1.19 -21.89 -18.29
CA ARG A 141 1.18 -21.90 -18.27
C ARG A 141 2.30 -22.94 -18.22
N ARG A 142 3.55 -22.49 -18.15
CA ARG A 142 4.65 -23.43 -17.99
C ARG A 142 4.66 -24.06 -16.60
N GLU A 143 4.24 -23.32 -15.54
CA GLU A 143 4.09 -23.89 -14.19
C GLU A 143 2.76 -24.61 -13.99
N ALA A 144 1.79 -24.46 -14.91
CA ALA A 144 0.58 -25.26 -14.87
C ALA A 144 0.81 -26.65 -15.42
N GLU A 145 1.51 -26.76 -16.55
CA GLU A 145 1.89 -28.07 -17.06
C GLU A 145 2.95 -28.73 -16.19
N THR A 146 3.62 -27.97 -15.33
CA THR A 146 4.43 -28.58 -14.28
C THR A 146 3.57 -29.44 -13.36
N GLY A 147 2.28 -29.10 -13.23
CA GLY A 147 1.36 -29.92 -12.48
C GLY A 147 1.57 -29.95 -10.99
N LYS A 148 2.23 -28.94 -10.44
CA LYS A 148 2.54 -28.86 -9.01
C LYS A 148 2.24 -27.47 -8.49
N PRO A 149 2.05 -27.31 -7.17
CA PRO A 149 1.63 -26.01 -6.63
C PRO A 149 2.53 -24.87 -7.09
N VAL A 150 1.92 -23.70 -7.28
CA VAL A 150 2.60 -22.51 -7.78
C VAL A 150 2.58 -21.45 -6.69
N THR A 151 3.76 -20.91 -6.37
CA THR A 151 3.89 -19.87 -5.36
C THR A 151 3.50 -18.53 -5.97
N LEU A 152 2.50 -17.86 -5.38
CA LEU A 152 1.89 -16.72 -6.04
C LEU A 152 2.81 -15.51 -6.06
N LYS A 153 3.38 -15.14 -4.91
CA LYS A 153 4.18 -13.92 -4.84
C LYS A 153 5.45 -13.96 -5.69
N ASP A 154 5.78 -15.12 -6.26
CA ASP A 154 6.88 -15.20 -7.22
C ASP A 154 6.42 -14.89 -8.65
N VAL A 155 5.26 -15.41 -9.05
CA VAL A 155 4.76 -15.12 -10.39
C VAL A 155 4.11 -13.73 -10.43
N PHE A 156 3.52 -13.28 -9.32
CA PHE A 156 3.00 -11.92 -9.27
C PHE A 156 4.10 -10.90 -9.02
N GLY A 157 5.11 -11.26 -8.24
CA GLY A 157 6.25 -10.37 -8.07
C GLY A 157 6.97 -10.10 -9.38
N ALA A 158 7.11 -11.13 -10.22
CA ALA A 158 7.70 -10.93 -11.53
C ALA A 158 6.86 -9.98 -12.38
N TYR A 159 5.53 -10.15 -12.36
CA TYR A 159 4.66 -9.26 -13.12
C TYR A 159 4.68 -7.84 -12.56
N SER A 160 4.59 -7.70 -11.23
CA SER A 160 4.62 -6.38 -10.63
C SER A 160 5.95 -5.68 -10.90
N MET A 161 7.05 -6.43 -10.83
CA MET A 161 8.35 -5.90 -11.25
C MET A 161 8.32 -5.45 -12.70
N ASP A 162 7.75 -6.28 -13.59
CA ASP A 162 7.68 -5.92 -15.00
C ASP A 162 6.90 -4.63 -15.21
N VAL A 163 5.76 -4.48 -14.53
CA VAL A 163 4.92 -3.30 -14.73
C VAL A 163 5.63 -2.04 -14.25
N ILE A 164 6.40 -2.16 -13.16
CA ILE A 164 7.05 -0.99 -12.57
C ILE A 164 8.19 -0.50 -13.47
N THR A 165 9.06 -1.41 -13.90
CA THR A 165 10.20 -1.01 -14.71
C THR A 165 9.76 -0.35 -16.02
N SER A 166 8.60 -0.74 -16.55
CA SER A 166 8.14 -0.20 -17.82
C SER A 166 7.35 1.10 -17.64
N THR A 167 6.50 1.17 -16.61
CA THR A 167 5.68 2.36 -16.42
C THR A 167 6.45 3.52 -15.78
N SER A 168 7.58 3.25 -15.13
CA SER A 168 8.32 4.30 -14.46
C SER A 168 9.58 4.72 -15.19
N PHE A 169 10.24 3.81 -15.91
CA PHE A 169 11.48 4.11 -16.60
C PHE A 169 11.51 3.71 -18.07
N GLY A 170 10.57 2.89 -18.54
CA GLY A 170 10.55 2.48 -19.93
C GLY A 170 11.38 1.26 -20.24
N VAL A 171 12.00 0.63 -19.25
CA VAL A 171 12.77 -0.59 -19.47
C VAL A 171 11.81 -1.77 -19.53
N ASN A 172 12.07 -2.71 -20.43
CA ASN A 172 11.15 -3.82 -20.71
C ASN A 172 11.91 -5.13 -20.57
N ILE A 173 11.69 -5.83 -19.46
CA ILE A 173 12.41 -7.07 -19.15
C ILE A 173 11.41 -8.14 -18.74
N ASP A 174 11.73 -9.40 -19.11
CA ASP A 174 11.05 -10.57 -18.57
C ASP A 174 11.80 -10.95 -17.30
N SER A 175 11.34 -10.40 -16.17
CA SER A 175 12.07 -10.55 -14.91
CA SER A 175 12.08 -10.54 -14.92
C SER A 175 12.15 -12.00 -14.47
N LEU A 176 11.09 -12.78 -14.70
CA LEU A 176 11.09 -14.17 -14.26
C LEU A 176 12.08 -15.00 -15.07
N ASN A 177 12.28 -14.67 -16.33
CA ASN A 177 13.25 -15.35 -17.18
C ASN A 177 14.58 -14.63 -17.26
N ASN A 178 14.69 -13.43 -16.68
CA ASN A 178 15.94 -12.70 -16.57
C ASN A 178 16.20 -12.41 -15.09
N PRO A 179 16.43 -13.44 -14.27
CA PRO A 179 16.57 -13.22 -12.82
C PRO A 179 17.85 -12.53 -12.41
N GLN A 180 18.72 -12.20 -13.36
CA GLN A 180 20.03 -11.63 -13.07
C GLN A 180 20.27 -10.32 -13.83
N ASP A 181 19.22 -9.70 -14.34
CA ASP A 181 19.36 -8.43 -15.04
C ASP A 181 19.77 -7.34 -14.05
N PRO A 182 20.65 -6.41 -14.45
CA PRO A 182 21.04 -5.34 -13.52
C PRO A 182 19.88 -4.49 -13.03
N PHE A 183 18.94 -4.14 -13.91
CA PHE A 183 17.83 -3.31 -13.50
C PHE A 183 16.87 -4.06 -12.58
N VAL A 184 16.83 -5.38 -12.67
CA VAL A 184 15.96 -6.17 -11.80
C VAL A 184 16.65 -6.49 -10.47
N GLU A 185 17.99 -6.58 -10.46
CA GLU A 185 18.70 -6.98 -9.25
C GLU A 185 18.57 -5.93 -8.16
N ASN A 186 18.55 -4.65 -8.54
CA ASN A 186 18.50 -3.57 -7.55
C ASN A 186 17.10 -3.44 -6.95
N THR A 187 16.07 -3.41 -7.79
CA THR A 187 14.71 -3.18 -7.30
C THR A 187 14.23 -4.29 -6.39
N LYS A 188 14.78 -5.50 -6.49
CA LYS A 188 14.40 -6.56 -5.58
C LYS A 188 14.98 -6.38 -4.19
N LYS A 189 16.01 -5.55 -4.04
CA LYS A 189 16.56 -5.22 -2.73
C LYS A 189 15.71 -4.22 -1.96
N LEU A 190 14.65 -3.68 -2.58
CA LEU A 190 13.73 -2.78 -1.92
C LEU A 190 12.62 -3.61 -1.28
N LEU A 191 12.56 -3.61 0.05
CA LEU A 191 11.59 -4.40 0.79
C LEU A 191 10.82 -3.49 1.75
N ARG A 192 9.57 -3.89 2.01
CA ARG A 192 8.70 -3.10 2.87
C ARG A 192 9.29 -3.00 4.28
N PHE A 193 9.20 -1.81 4.86
CA PHE A 193 9.76 -1.57 6.18
C PHE A 193 8.93 -2.27 7.25
N ASP A 194 9.56 -3.13 8.03
CA ASP A 194 8.92 -3.79 9.16
C ASP A 194 9.16 -2.93 10.40
N PHE A 195 8.12 -2.20 10.83
CA PHE A 195 8.27 -1.27 11.94
C PHE A 195 8.18 -1.95 13.30
N LEU A 196 7.86 -3.23 13.35
CA LEU A 196 7.97 -4.03 14.56
C LEU A 196 9.24 -4.87 14.58
N ASP A 197 10.14 -4.64 13.64
CA ASP A 197 11.41 -5.33 13.57
C ASP A 197 12.42 -4.67 14.52
N PRO A 198 13.51 -5.37 14.87
CA PRO A 198 14.44 -4.83 15.87
C PRO A 198 14.88 -3.39 15.65
N PHE A 199 15.28 -3.04 14.43
CA PHE A 199 15.84 -1.71 14.18
C PHE A 199 14.80 -0.61 14.41
N PHE A 200 13.66 -0.71 13.73
CA PHE A 200 12.65 0.35 13.82
C PHE A 200 11.97 0.42 15.17
N LEU A 201 12.01 -0.66 15.96
CA LEU A 201 11.53 -0.56 17.34
C LEU A 201 12.49 0.22 18.21
N SER A 202 13.80 0.00 18.01
CA SER A 202 14.80 0.77 18.74
C SER A 202 14.68 2.26 18.44
N ILE A 203 14.38 2.60 17.18
CA ILE A 203 14.16 4.00 16.81
C ILE A 203 12.96 4.56 17.55
N THR A 204 11.92 3.74 17.74
CA THR A 204 10.74 4.20 18.46
C THR A 204 11.05 4.48 19.93
N VAL A 205 11.88 3.64 20.55
CA VAL A 205 12.25 3.86 21.94
C VAL A 205 13.37 4.89 22.05
N PHE A 206 14.26 4.97 21.06
CA PHE A 206 15.36 5.93 21.06
C PHE A 206 15.24 6.86 19.85
N PRO A 207 14.23 7.73 19.82
CA PRO A 207 14.14 8.68 18.70
C PRO A 207 15.30 9.67 18.67
N PHE A 208 15.97 9.88 19.80
CA PHE A 208 17.15 10.72 19.85
C PHE A 208 18.34 10.14 19.10
N LEU A 209 18.27 8.86 18.70
CA LEU A 209 19.35 8.26 17.91
C LEU A 209 19.22 8.56 16.43
N ILE A 210 18.05 9.00 15.96
CA ILE A 210 17.88 9.36 14.55
C ILE A 210 18.88 10.42 14.11
N PRO A 211 19.09 11.53 14.83
CA PRO A 211 20.08 12.51 14.36
C PRO A 211 21.50 11.94 14.30
N ILE A 212 21.85 11.02 15.20
CA ILE A 212 23.18 10.42 15.18
C ILE A 212 23.39 9.62 13.90
N LEU A 213 22.39 8.84 13.51
CA LEU A 213 22.49 8.03 12.30
C LEU A 213 22.53 8.89 11.05
N GLU A 214 21.79 10.01 11.04
CA GLU A 214 21.82 10.91 9.89
C GLU A 214 23.22 11.48 9.67
N VAL A 215 23.97 11.70 10.74
CA VAL A 215 25.30 12.28 10.60
C VAL A 215 26.29 11.25 10.07
N LEU A 216 25.99 9.96 10.20
CA LEU A 216 26.83 8.89 9.69
C LEU A 216 26.42 8.43 8.29
N ASN A 217 25.60 9.20 7.59
CA ASN A 217 25.08 8.89 6.26
C ASN A 217 24.34 7.56 6.20
N ILE A 218 24.02 6.98 7.36
CA ILE A 218 23.22 5.76 7.39
C ILE A 218 21.79 6.08 6.99
N CYS A 219 21.19 5.22 6.19
CA CYS A 219 19.87 5.47 5.62
C CYS A 219 19.05 4.19 5.60
N VAL A 220 17.75 4.31 5.87
CA VAL A 220 16.88 3.16 5.80
C VAL A 220 16.70 2.68 4.36
N PHE A 221 17.01 3.53 3.39
CA PHE A 221 17.09 3.10 1.99
C PHE A 221 18.54 2.78 1.69
N PRO A 222 18.86 1.56 1.26
CA PRO A 222 20.28 1.18 1.10
C PRO A 222 21.03 2.12 0.16
N ARG A 223 22.21 2.55 0.60
CA ARG A 223 23.04 3.50 -0.14
C ARG A 223 23.39 3.08 -1.58
N GLU A 224 23.24 1.80 -1.88
CA GLU A 224 23.54 1.27 -3.20
C GLU A 224 22.41 1.22 -4.22
N VAL A 225 21.22 0.79 -3.80
CA VAL A 225 20.06 0.82 -4.69
C VAL A 225 19.71 2.26 -5.04
N THR A 226 19.84 3.17 -4.07
CA THR A 226 19.60 4.58 -4.34
C THR A 226 20.65 5.16 -5.28
N ASN A 227 21.91 4.78 -5.09
CA ASN A 227 22.97 5.28 -5.96
C ASN A 227 22.86 4.71 -7.36
N PHE A 228 22.31 3.50 -7.50
CA PHE A 228 22.11 2.93 -8.83
C PHE A 228 21.06 3.70 -9.62
N LEU A 229 19.98 4.12 -8.95
CA LEU A 229 18.93 4.83 -9.64
C LEU A 229 19.25 6.31 -9.82
N ARG A 230 20.05 6.89 -8.90
CA ARG A 230 20.39 8.30 -9.01
C ARG A 230 21.18 8.60 -10.27
N LYS A 231 21.94 7.61 -10.77
CA LYS A 231 22.65 7.74 -12.02
C LYS A 231 21.90 7.17 -13.22
N SER A 232 21.13 6.09 -13.02
CA SER A 232 20.30 5.57 -14.09
C SER A 232 19.34 6.64 -14.61
N VAL A 233 18.77 7.44 -13.70
CA VAL A 233 17.91 8.54 -14.12
C VAL A 233 18.72 9.56 -14.91
N LYS A 234 19.84 10.01 -14.34
CA LYS A 234 20.66 11.01 -15.02
C LYS A 234 21.28 10.48 -16.31
N ARG A 235 21.39 9.16 -16.47
CA ARG A 235 21.77 8.60 -17.76
C ARG A 235 20.60 8.63 -18.73
N MET A 236 19.42 8.17 -18.28
CA MET A 236 18.25 8.20 -19.14
C MET A 236 17.79 9.62 -19.43
N LYS A 237 17.95 10.53 -18.46
CA LYS A 237 17.71 11.94 -18.74
C LYS A 237 18.69 12.52 -19.75
N GLU A 238 19.77 11.79 -20.06
CA GLU A 238 20.73 12.22 -21.07
C GLU A 238 20.90 11.20 -22.18
N SER A 239 20.14 10.12 -22.18
CA SER A 239 20.07 9.18 -23.30
C SER A 239 18.75 9.24 -24.04
N ARG A 240 17.63 9.32 -23.33
CA ARG A 240 16.37 9.66 -23.97
C ARG A 240 16.43 11.06 -24.54
N LEU A 241 17.12 11.97 -23.86
CA LEU A 241 17.39 13.32 -24.36
C LEU A 241 18.69 13.27 -25.16
N GLU A 242 18.59 13.44 -26.47
CA GLU A 242 17.32 13.69 -27.14
C GLU A 242 16.99 12.62 -28.17
N ASP A 243 15.80 12.04 -28.05
CA ASP A 243 15.31 11.05 -29.01
C ASP A 243 13.79 11.11 -29.13
N VAL A 249 5.78 7.33 -22.45
CA VAL A 249 4.61 7.43 -21.58
C VAL A 249 4.90 6.87 -20.19
N ASP A 250 6.16 6.96 -19.78
CA ASP A 250 6.58 6.46 -18.47
C ASP A 250 6.53 7.57 -17.42
N PHE A 251 6.54 7.18 -16.15
CA PHE A 251 6.51 8.14 -15.05
C PHE A 251 7.67 9.11 -15.12
N LEU A 252 8.85 8.61 -15.50
CA LEU A 252 10.02 9.49 -15.61
C LEU A 252 9.79 10.59 -16.65
N GLN A 253 9.22 10.21 -17.80
CA GLN A 253 8.97 11.20 -18.85
C GLN A 253 8.00 12.27 -18.39
N LEU A 254 6.90 11.85 -17.74
CA LEU A 254 5.93 12.81 -17.24
C LEU A 254 6.56 13.78 -16.24
N MET A 255 7.54 13.31 -15.46
CA MET A 255 8.22 14.19 -14.51
C MET A 255 9.25 15.08 -15.20
N ILE A 256 9.92 14.54 -16.22
CA ILE A 256 10.83 15.37 -17.03
C ILE A 256 10.04 16.44 -17.76
N ASP A 257 8.81 16.11 -18.19
CA ASP A 257 7.96 17.12 -18.81
C ASP A 257 7.48 18.15 -17.79
N SER A 258 7.34 17.75 -16.52
CA SER A 258 6.85 18.68 -15.51
C SER A 258 7.87 19.78 -15.23
N GLN A 259 9.17 19.45 -15.24
CA GLN A 259 10.20 20.44 -15.03
C GLN A 259 10.48 21.28 -16.29
N ASN A 260 9.56 21.24 -17.25
CA ASN A 260 9.58 22.15 -18.39
C ASN A 260 8.26 22.91 -18.43
N SER A 261 7.96 23.67 -17.38
CA SER A 261 6.69 24.38 -17.26
C SER A 261 6.54 25.47 -18.33
N SER A 266 4.78 23.87 -6.90
CA SER A 266 4.29 25.23 -6.69
C SER A 266 5.25 26.03 -5.82
N HIS A 267 6.04 26.90 -6.45
CA HIS A 267 6.00 27.04 -7.90
C HIS A 267 7.40 27.01 -8.49
N LYS A 268 8.14 25.95 -8.19
CA LYS A 268 9.47 25.71 -8.72
C LYS A 268 9.50 24.35 -9.38
N ALA A 269 10.27 24.25 -10.48
CA ALA A 269 10.33 23.00 -11.23
C ALA A 269 10.98 21.90 -10.41
N LEU A 270 10.63 20.66 -10.75
CA LEU A 270 11.18 19.50 -10.07
C LEU A 270 12.68 19.40 -10.28
N SER A 271 13.43 19.28 -9.19
CA SER A 271 14.87 19.14 -9.28
C SER A 271 15.22 17.73 -9.73
N ASP A 272 16.48 17.55 -10.14
CA ASP A 272 16.91 16.25 -10.63
C ASP A 272 16.97 15.22 -9.51
N LEU A 273 17.36 15.64 -8.31
CA LEU A 273 17.38 14.71 -7.18
C LEU A 273 15.98 14.41 -6.67
N GLU A 274 15.10 15.43 -6.66
CA GLU A 274 13.70 15.17 -6.34
C GLU A 274 13.07 14.21 -7.34
N LEU A 275 13.50 14.26 -8.60
CA LEU A 275 13.02 13.31 -9.59
C LEU A 275 13.34 11.88 -9.18
N VAL A 276 14.58 11.65 -8.75
CA VAL A 276 15.01 10.33 -8.32
C VAL A 276 14.24 9.88 -7.08
N ALA A 277 13.92 10.81 -6.17
CA ALA A 277 13.23 10.44 -4.94
C ALA A 277 11.83 9.90 -5.24
N GLN A 278 11.09 10.56 -6.13
CA GLN A 278 9.74 10.11 -6.44
C GLN A 278 9.76 8.79 -7.21
N SER A 279 10.75 8.61 -8.08
CA SER A 279 10.87 7.35 -8.81
C SER A 279 11.05 6.17 -7.84
N ILE A 280 11.88 6.36 -6.81
CA ILE A 280 12.07 5.31 -5.82
C ILE A 280 10.79 5.06 -5.04
N ILE A 281 10.06 6.12 -4.70
CA ILE A 281 8.83 5.93 -3.93
C ILE A 281 7.79 5.22 -4.78
N PHE A 282 7.79 5.44 -6.10
CA PHE A 282 6.86 4.74 -6.97
C PHE A 282 7.21 3.26 -7.06
N ILE A 283 8.49 2.94 -7.17
CA ILE A 283 8.93 1.54 -7.19
C ILE A 283 8.59 0.86 -5.87
N PHE A 284 8.95 1.51 -4.75
CA PHE A 284 8.58 0.99 -3.43
C PHE A 284 7.09 0.73 -3.34
N ALA A 285 6.27 1.67 -3.82
CA ALA A 285 4.82 1.56 -3.68
C ALA A 285 4.26 0.42 -4.54
N GLY A 286 4.50 0.48 -5.85
CA GLY A 286 3.85 -0.43 -6.76
C GLY A 286 4.37 -1.85 -6.74
N TYR A 287 5.51 -2.11 -6.09
CA TYR A 287 6.12 -3.43 -6.20
C TYR A 287 5.52 -4.41 -5.20
N GLU A 288 5.77 -4.20 -3.91
CA GLU A 288 5.32 -5.17 -2.91
C GLU A 288 3.82 -5.09 -2.68
N THR A 289 3.20 -3.94 -2.94
CA THR A 289 1.75 -3.83 -2.73
C THR A 289 0.98 -4.60 -3.79
N THR A 290 1.29 -4.38 -5.06
CA THR A 290 0.58 -5.04 -6.14
C THR A 290 0.70 -6.55 -6.02
N SER A 291 1.91 -7.06 -5.76
CA SER A 291 2.09 -8.50 -5.67
C SER A 291 1.43 -9.08 -4.42
N SER A 292 1.38 -8.30 -3.33
CA SER A 292 0.78 -8.81 -2.10
C SER A 292 -0.73 -8.84 -2.18
N VAL A 293 -1.34 -7.76 -2.70
CA VAL A 293 -2.79 -7.74 -2.83
C VAL A 293 -3.27 -8.81 -3.81
N LEU A 294 -2.54 -8.98 -4.91
CA LEU A 294 -2.91 -10.03 -5.86
C LEU A 294 -2.80 -11.42 -5.23
N SER A 295 -1.91 -11.59 -4.24
CA SER A 295 -1.83 -12.87 -3.54
C SER A 295 -3.05 -13.09 -2.65
N PHE A 296 -3.47 -12.05 -1.92
CA PHE A 296 -4.63 -12.19 -1.05
C PHE A 296 -5.91 -12.42 -1.86
N ILE A 297 -5.96 -11.93 -3.10
CA ILE A 297 -7.16 -12.10 -3.91
C ILE A 297 -7.27 -13.54 -4.39
N MET A 298 -6.19 -14.10 -4.94
CA MET A 298 -6.23 -15.47 -5.43
C MET A 298 -6.46 -16.47 -4.32
N TYR A 299 -6.00 -16.16 -3.11
CA TYR A 299 -6.31 -17.03 -1.97
C TYR A 299 -7.80 -17.00 -1.65
N GLU A 300 -8.44 -15.83 -1.80
CA GLU A 300 -9.87 -15.73 -1.54
C GLU A 300 -10.70 -16.33 -2.66
N LEU A 301 -10.17 -16.36 -3.89
CA LEU A 301 -10.88 -17.01 -4.99
C LEU A 301 -10.74 -18.52 -4.93
N ALA A 302 -9.55 -19.01 -4.57
CA ALA A 302 -9.33 -20.45 -4.52
C ALA A 302 -10.10 -21.10 -3.38
N THR A 303 -10.28 -20.40 -2.26
CA THR A 303 -11.04 -20.90 -1.12
C THR A 303 -12.51 -20.55 -1.20
N HIS A 304 -12.93 -19.82 -2.23
CA HIS A 304 -14.35 -19.53 -2.48
C HIS A 304 -14.62 -19.75 -3.95
N PRO A 305 -14.71 -21.01 -4.39
CA PRO A 305 -14.84 -21.29 -5.83
C PRO A 305 -16.10 -20.69 -6.44
N ASP A 306 -17.16 -20.50 -5.65
CA ASP A 306 -18.34 -19.78 -6.13
C ASP A 306 -17.97 -18.40 -6.64
N VAL A 307 -17.13 -17.69 -5.91
CA VAL A 307 -16.72 -16.35 -6.35
C VAL A 307 -15.85 -16.43 -7.60
N GLN A 308 -14.90 -17.38 -7.62
CA GLN A 308 -13.99 -17.49 -8.75
C GLN A 308 -14.73 -17.82 -10.04
N GLN A 309 -15.74 -18.69 -9.95
CA GLN A 309 -16.50 -19.05 -11.16
C GLN A 309 -17.35 -17.88 -11.65
N LYS A 310 -18.02 -17.17 -10.73
CA LYS A 310 -18.86 -16.06 -11.14
C LYS A 310 -18.05 -14.95 -11.82
N LEU A 311 -16.84 -14.70 -11.32
CA LEU A 311 -16.01 -13.66 -11.93
C LEU A 311 -15.51 -14.08 -13.30
N GLN A 312 -15.13 -15.35 -13.45
CA GLN A 312 -14.69 -15.84 -14.76
C GLN A 312 -15.80 -15.74 -15.80
N GLU A 313 -17.05 -15.79 -15.38
CA GLU A 313 -18.16 -15.65 -16.32
C GLU A 313 -18.39 -14.19 -16.71
N GLU A 314 -18.22 -13.27 -15.75
CA GLU A 314 -18.34 -11.85 -16.07
C GLU A 314 -17.23 -11.41 -17.03
N ILE A 315 -16.03 -11.96 -16.86
CA ILE A 315 -14.93 -11.64 -17.77
C ILE A 315 -15.23 -12.15 -19.17
N ASP A 316 -15.85 -13.33 -19.28
CA ASP A 316 -16.15 -13.88 -20.59
C ASP A 316 -17.32 -13.17 -21.29
N ALA A 317 -18.10 -12.38 -20.54
CA ALA A 317 -19.19 -11.64 -21.16
C ALA A 317 -18.69 -10.34 -21.80
N VAL A 318 -17.85 -9.59 -21.09
CA VAL A 318 -17.30 -8.36 -21.64
C VAL A 318 -16.23 -8.68 -22.68
N LEU A 319 -15.41 -9.70 -22.43
CA LEU A 319 -14.28 -10.06 -23.30
C LEU A 319 -14.47 -11.48 -23.80
N PRO A 320 -15.29 -11.68 -24.84
CA PRO A 320 -15.44 -13.01 -25.42
C PRO A 320 -14.22 -13.39 -26.25
N ASN A 321 -14.04 -14.70 -26.41
CA ASN A 321 -12.89 -15.26 -27.12
C ASN A 321 -11.57 -14.87 -26.45
N LYS A 322 -11.59 -14.72 -25.13
CA LYS A 322 -10.42 -14.25 -24.38
C LYS A 322 -9.90 -12.94 -24.95
N ALA A 323 -10.82 -12.02 -25.26
CA ALA A 323 -10.45 -10.76 -25.88
C ALA A 323 -9.55 -9.95 -24.94
N PRO A 324 -8.65 -9.14 -25.48
CA PRO A 324 -7.75 -8.34 -24.65
C PRO A 324 -8.52 -7.27 -23.88
N PRO A 325 -8.22 -7.11 -22.59
CA PRO A 325 -8.88 -6.06 -21.81
C PRO A 325 -8.32 -4.69 -22.15
N THR A 326 -9.21 -3.70 -22.16
CA THR A 326 -8.83 -2.30 -22.38
C THR A 326 -9.23 -1.47 -21.16
N TYR A 327 -8.85 -0.21 -21.18
CA TYR A 327 -9.19 0.69 -20.09
C TYR A 327 -10.70 0.74 -19.86
N ASP A 328 -11.48 0.80 -20.94
CA ASP A 328 -12.93 0.90 -20.83
C ASP A 328 -13.56 -0.42 -20.41
N THR A 329 -13.03 -1.54 -20.93
CA THR A 329 -13.58 -2.84 -20.55
C THR A 329 -13.26 -3.22 -19.10
N VAL A 330 -12.20 -2.65 -18.53
CA VAL A 330 -11.87 -2.93 -17.13
C VAL A 330 -12.78 -2.15 -16.19
N LEU A 331 -12.93 -0.85 -16.43
CA LEU A 331 -13.84 -0.04 -15.63
C LEU A 331 -15.29 -0.48 -15.80
N GLN A 332 -15.59 -1.29 -16.81
CA GLN A 332 -16.95 -1.77 -17.03
C GLN A 332 -17.32 -2.87 -16.05
N MET A 333 -16.37 -3.76 -15.73
CA MET A 333 -16.65 -4.88 -14.85
C MET A 333 -16.88 -4.39 -13.42
N GLU A 334 -17.96 -4.87 -12.80
CA GLU A 334 -18.31 -4.48 -11.44
C GLU A 334 -18.08 -5.56 -10.41
N TYR A 335 -18.31 -6.83 -10.75
CA TYR A 335 -17.98 -7.90 -9.81
C TYR A 335 -16.47 -8.00 -9.60
N LEU A 336 -15.69 -7.71 -10.64
CA LEU A 336 -14.25 -7.62 -10.47
C LEU A 336 -13.90 -6.53 -9.46
N ASP A 337 -14.53 -5.36 -9.59
CA ASP A 337 -14.30 -4.28 -8.62
C ASP A 337 -14.84 -4.66 -7.24
N MET A 338 -15.87 -5.50 -7.19
CA MET A 338 -16.39 -5.97 -5.91
C MET A 338 -15.40 -6.90 -5.22
N VAL A 339 -14.75 -7.79 -5.99
CA VAL A 339 -13.79 -8.71 -5.41
C VAL A 339 -12.56 -7.98 -4.90
N VAL A 340 -12.07 -7.00 -5.68
CA VAL A 340 -10.87 -6.27 -5.27
C VAL A 340 -11.15 -5.48 -3.99
N ASN A 341 -12.32 -4.83 -3.91
CA ASN A 341 -12.65 -4.03 -2.74
C ASN A 341 -12.81 -4.90 -1.49
N GLU A 342 -13.45 -6.06 -1.65
CA GLU A 342 -13.66 -6.93 -0.49
C GLU A 342 -12.35 -7.50 0.03
N THR A 343 -11.42 -7.84 -0.87
CA THR A 343 -10.12 -8.33 -0.43
C THR A 343 -9.33 -7.24 0.29
N LEU A 344 -9.43 -6.00 -0.19
CA LEU A 344 -8.77 -4.89 0.48
C LEU A 344 -9.40 -4.59 1.83
N ARG A 345 -10.65 -4.96 2.05
CA ARG A 345 -11.25 -4.78 3.37
C ARG A 345 -10.60 -5.71 4.39
N LEU A 346 -10.47 -6.99 4.05
CA LEU A 346 -9.87 -7.95 4.97
C LEU A 346 -8.35 -7.81 5.08
N PHE A 347 -7.69 -7.22 4.09
CA PHE A 347 -6.22 -7.07 4.11
C PHE A 347 -5.83 -5.69 3.62
N PRO A 348 -6.06 -4.65 4.43
CA PRO A 348 -5.57 -3.30 4.09
C PRO A 348 -4.10 -3.18 4.43
N ILE A 349 -3.26 -3.11 3.39
CA ILE A 349 -1.82 -3.17 3.57
C ILE A 349 -1.29 -2.03 4.43
N ALA A 350 -2.08 -0.97 4.63
CA ALA A 350 -1.61 0.12 5.48
C ALA A 350 -1.89 -0.13 6.96
N MET A 351 -3.00 -0.82 7.29
CA MET A 351 -3.39 -1.14 8.66
C MET A 351 -3.79 0.12 9.41
N ARG A 352 -2.91 1.12 9.45
CA ARG A 352 -3.14 2.36 10.17
C ARG A 352 -2.97 3.58 9.27
N LEU A 353 -3.73 4.63 9.57
CA LEU A 353 -3.51 5.95 9.03
C LEU A 353 -3.13 6.89 10.17
N GLU A 354 -2.14 7.74 9.95
CA GLU A 354 -1.59 8.56 11.01
C GLU A 354 -1.34 9.97 10.52
N ARG A 355 -1.46 10.94 11.44
CA ARG A 355 -1.15 12.33 11.17
C ARG A 355 -0.55 12.95 12.43
N VAL A 356 0.39 13.88 12.23
CA VAL A 356 1.01 14.60 13.34
C VAL A 356 0.25 15.90 13.57
N CYS A 357 -0.21 16.11 14.80
CA CYS A 357 -0.91 17.33 15.17
C CYS A 357 0.10 18.45 15.39
N LYS A 358 0.02 19.49 14.58
CA LYS A 358 1.00 20.57 14.59
C LYS A 358 0.57 21.76 15.44
N LYS A 359 -0.63 21.73 16.02
CA LYS A 359 -1.16 22.86 16.78
C LYS A 359 -1.90 22.35 18.01
N ASP A 360 -2.34 23.29 18.84
CA ASP A 360 -3.27 23.00 19.94
C ASP A 360 -4.68 23.26 19.42
N VAL A 361 -5.37 22.20 19.03
CA VAL A 361 -6.66 22.31 18.37
C VAL A 361 -7.70 21.50 19.14
N GLU A 362 -8.97 21.75 18.79
CA GLU A 362 -10.11 21.11 19.42
C GLU A 362 -11.06 20.70 18.31
N ILE A 363 -11.15 19.40 18.04
CA ILE A 363 -11.94 18.87 16.93
C ILE A 363 -13.04 17.98 17.49
N ASN A 364 -14.25 18.16 16.94
CA ASN A 364 -15.41 17.32 17.28
C ASN A 364 -15.60 17.18 18.80
N GLY A 365 -15.31 18.26 19.52
CA GLY A 365 -15.49 18.27 20.96
C GLY A 365 -14.45 17.47 21.72
N MET A 366 -13.17 17.74 21.49
CA MET A 366 -12.09 17.08 22.22
C MET A 366 -10.81 17.87 22.01
N PHE A 367 -10.08 18.11 23.09
CA PHE A 367 -8.84 18.88 23.03
C PHE A 367 -7.69 17.97 22.63
N ILE A 368 -6.98 18.34 21.55
CA ILE A 368 -5.82 17.59 21.09
C ILE A 368 -4.59 18.49 21.17
N PRO A 369 -3.64 18.19 22.05
CA PRO A 369 -2.47 19.06 22.21
C PRO A 369 -1.44 18.84 21.11
N LYS A 370 -0.54 19.82 20.99
CA LYS A 370 0.49 19.78 19.96
C LYS A 370 1.45 18.62 20.18
N GLY A 371 1.93 18.04 19.08
CA GLY A 371 2.88 16.95 19.14
C GLY A 371 2.27 15.56 19.21
N VAL A 372 0.96 15.46 19.38
CA VAL A 372 0.29 14.17 19.49
C VAL A 372 0.13 13.57 18.09
N VAL A 373 0.39 12.27 17.97
CA VAL A 373 0.16 11.54 16.74
C VAL A 373 -1.27 11.00 16.76
N VAL A 374 -2.12 11.53 15.88
CA VAL A 374 -3.46 11.00 15.72
C VAL A 374 -3.41 9.80 14.79
N MET A 375 -4.08 8.72 15.18
CA MET A 375 -4.01 7.46 14.48
C MET A 375 -5.43 6.94 14.21
N ILE A 376 -5.62 6.35 13.04
CA ILE A 376 -6.91 5.75 12.67
C ILE A 376 -6.67 4.27 12.41
N PRO A 377 -7.22 3.38 13.23
CA PRO A 377 -6.96 1.94 13.05
C PRO A 377 -7.77 1.35 11.91
N SER A 378 -7.23 1.42 10.69
CA SER A 378 -7.98 0.98 9.52
C SER A 378 -8.33 -0.50 9.61
N TYR A 379 -7.35 -1.34 9.95
CA TYR A 379 -7.61 -2.78 10.04
C TYR A 379 -8.70 -3.06 11.06
N ALA A 380 -8.66 -2.38 12.21
CA ALA A 380 -9.65 -2.63 13.26
C ALA A 380 -11.04 -2.17 12.84
N LEU A 381 -11.13 -1.15 11.99
CA LEU A 381 -12.44 -0.66 11.53
C LEU A 381 -12.99 -1.51 10.39
N HIS A 382 -12.12 -2.14 9.59
CA HIS A 382 -12.59 -3.00 8.52
C HIS A 382 -13.22 -4.28 9.03
N ARG A 383 -12.91 -4.69 10.27
CA ARG A 383 -13.43 -5.92 10.87
C ARG A 383 -14.30 -5.62 12.07
N ASP A 384 -14.98 -4.48 12.07
CA ASP A 384 -15.85 -4.09 13.19
C ASP A 384 -17.27 -4.52 12.90
N PRO A 385 -17.89 -5.35 13.76
CA PRO A 385 -19.30 -5.72 13.53
C PRO A 385 -20.27 -4.56 13.61
N LYS A 386 -19.87 -3.41 14.15
CA LYS A 386 -20.76 -2.25 14.19
C LYS A 386 -21.07 -1.70 12.80
N TYR A 387 -20.29 -2.08 11.79
CA TYR A 387 -20.53 -1.64 10.41
C TYR A 387 -20.52 -2.78 9.40
N TRP A 388 -20.03 -3.96 9.76
CA TRP A 388 -19.89 -5.07 8.83
C TRP A 388 -20.61 -6.29 9.37
N THR A 389 -21.54 -6.84 8.58
CA THR A 389 -22.21 -8.07 8.96
C THR A 389 -21.32 -9.26 8.61
N GLU A 390 -21.02 -10.10 9.61
CA GLU A 390 -20.08 -11.20 9.45
C GLU A 390 -18.76 -10.66 8.90
N PRO A 391 -17.98 -9.95 9.72
CA PRO A 391 -16.84 -9.21 9.16
C PRO A 391 -15.72 -10.10 8.63
N GLU A 392 -15.37 -11.16 9.37
CA GLU A 392 -14.26 -12.02 8.98
C GLU A 392 -14.58 -12.93 7.81
N LYS A 393 -15.81 -12.89 7.29
CA LYS A 393 -16.18 -13.72 6.15
C LYS A 393 -15.94 -12.95 4.85
N PHE A 394 -15.46 -13.67 3.83
CA PHE A 394 -15.19 -13.10 2.52
C PHE A 394 -16.50 -13.07 1.73
N LEU A 395 -17.21 -11.95 1.82
CA LEU A 395 -18.51 -11.77 1.17
C LEU A 395 -18.42 -10.57 0.24
N PRO A 396 -18.11 -10.79 -1.05
CA PRO A 396 -17.96 -9.65 -1.98
C PRO A 396 -19.26 -8.91 -2.25
N GLU A 397 -20.40 -9.42 -1.79
CA GLU A 397 -21.68 -8.75 -2.06
C GLU A 397 -21.88 -7.48 -1.25
N ARG A 398 -21.00 -7.19 -0.28
CA ARG A 398 -21.10 -5.94 0.45
C ARG A 398 -20.93 -4.73 -0.47
N PHE A 399 -20.20 -4.91 -1.58
CA PHE A 399 -19.88 -3.81 -2.48
C PHE A 399 -20.70 -3.83 -3.76
N SER A 400 -21.74 -4.66 -3.84
CA SER A 400 -22.67 -4.55 -4.94
C SER A 400 -23.39 -3.20 -4.87
N LYS A 401 -23.79 -2.69 -6.04
CA LYS A 401 -24.47 -1.41 -6.10
C LYS A 401 -25.77 -1.39 -5.31
N LYS A 402 -26.20 -2.54 -4.79
CA LYS A 402 -27.34 -2.59 -3.89
C LYS A 402 -26.95 -2.23 -2.46
N ASN A 403 -25.86 -2.83 -1.97
CA ASN A 403 -25.42 -2.63 -0.59
C ASN A 403 -24.24 -1.67 -0.46
N LYS A 404 -23.66 -1.20 -1.57
CA LYS A 404 -22.49 -0.34 -1.49
C LYS A 404 -22.80 1.02 -0.85
N ASP A 405 -24.07 1.33 -0.60
CA ASP A 405 -24.45 2.59 0.02
C ASP A 405 -24.42 2.52 1.54
N ASN A 406 -24.40 1.32 2.12
CA ASN A 406 -24.31 1.13 3.56
C ASN A 406 -22.87 1.08 4.06
N ILE A 407 -21.96 1.79 3.41
CA ILE A 407 -20.54 1.75 3.72
C ILE A 407 -20.06 3.17 3.95
N ASP A 408 -19.73 3.49 5.19
CA ASP A 408 -19.23 4.83 5.53
C ASP A 408 -17.86 5.03 4.89
N PRO A 409 -17.68 6.04 4.03
CA PRO A 409 -16.38 6.23 3.37
C PRO A 409 -15.24 6.59 4.31
N TYR A 410 -15.51 6.77 5.60
CA TYR A 410 -14.46 7.02 6.58
C TYR A 410 -14.24 5.84 7.51
N ILE A 411 -14.91 4.72 7.26
CA ILE A 411 -14.62 3.46 7.93
C ILE A 411 -13.84 2.53 7.03
N TYR A 412 -14.20 2.47 5.74
CA TYR A 412 -13.48 1.68 4.74
C TYR A 412 -12.59 2.64 3.95
N THR A 413 -11.33 2.75 4.37
CA THR A 413 -10.36 3.64 3.73
C THR A 413 -9.11 2.88 3.35
N PRO A 414 -9.18 2.01 2.33
CA PRO A 414 -7.98 1.26 1.93
C PRO A 414 -6.91 2.13 1.32
N PHE A 415 -7.28 3.24 0.69
CA PHE A 415 -6.35 4.18 0.09
C PHE A 415 -6.33 5.52 0.84
N GLY A 416 -6.70 5.51 2.11
CA GLY A 416 -6.73 6.73 2.87
C GLY A 416 -7.90 7.63 2.47
N SER A 417 -7.75 8.91 2.78
CA SER A 417 -8.77 9.90 2.47
C SER A 417 -8.17 11.29 2.65
N GLY A 418 -8.76 12.27 1.99
CA GLY A 418 -8.36 13.64 2.12
C GLY A 418 -7.26 14.04 1.16
N PRO A 419 -6.74 15.26 1.32
CA PRO A 419 -5.72 15.76 0.39
C PRO A 419 -4.43 14.93 0.38
N ARG A 420 -4.23 14.03 1.33
CA ARG A 420 -3.01 13.23 1.40
C ARG A 420 -3.31 11.75 1.24
N ASN A 421 -4.37 11.41 0.52
CA ASN A 421 -4.67 10.02 0.25
C ASN A 421 -3.69 9.47 -0.77
N CYS A 422 -3.86 8.20 -1.11
CA CYS A 422 -2.94 7.55 -2.04
C CYS A 422 -3.04 8.19 -3.41
N ILE A 423 -1.92 8.75 -3.89
CA ILE A 423 -1.92 9.41 -5.18
C ILE A 423 -1.99 8.41 -6.33
N GLY A 424 -1.66 7.14 -6.06
CA GLY A 424 -1.69 6.12 -7.10
C GLY A 424 -2.76 5.07 -6.86
N MET A 425 -3.83 5.43 -6.15
CA MET A 425 -4.92 4.50 -5.93
C MET A 425 -5.42 3.86 -7.21
N ARG A 426 -5.44 4.63 -8.30
CA ARG A 426 -6.13 4.20 -9.52
C ARG A 426 -5.20 3.61 -10.57
N PHE A 427 -3.91 3.97 -10.57
CA PHE A 427 -2.94 3.16 -11.28
C PHE A 427 -2.84 1.77 -10.68
N ALA A 428 -2.97 1.67 -9.35
CA ALA A 428 -2.86 0.39 -8.67
C ALA A 428 -4.05 -0.51 -8.98
N LEU A 429 -5.27 0.04 -8.92
CA LEU A 429 -6.45 -0.74 -9.26
C LEU A 429 -6.41 -1.21 -10.71
N MET A 430 -6.02 -0.32 -11.63
CA MET A 430 -5.91 -0.71 -13.03
C MET A 430 -4.81 -1.76 -13.22
N ASN A 431 -3.70 -1.61 -12.51
CA ASN A 431 -2.62 -2.59 -12.62
C ASN A 431 -3.06 -3.97 -12.15
N MET A 432 -3.83 -4.03 -11.06
CA MET A 432 -4.21 -5.32 -10.50
C MET A 432 -5.36 -5.96 -11.26
N LYS A 433 -6.33 -5.17 -11.70
CA LYS A 433 -7.47 -5.74 -12.41
C LYS A 433 -7.06 -6.33 -13.75
N LEU A 434 -6.14 -5.66 -14.45
CA LEU A 434 -5.63 -6.19 -15.71
C LEU A 434 -4.95 -7.54 -15.51
N ALA A 435 -4.25 -7.71 -14.40
CA ALA A 435 -3.60 -8.99 -14.12
C ALA A 435 -4.64 -10.07 -13.82
N LEU A 436 -5.66 -9.74 -13.04
CA LEU A 436 -6.67 -10.73 -12.68
C LEU A 436 -7.46 -11.20 -13.89
N ILE A 437 -7.77 -10.27 -14.81
CA ILE A 437 -8.56 -10.64 -15.99
C ILE A 437 -7.80 -11.64 -16.85
N ARG A 438 -6.57 -11.32 -17.23
CA ARG A 438 -5.80 -12.21 -18.09
C ARG A 438 -5.53 -13.54 -17.39
N VAL A 439 -5.32 -13.52 -16.08
CA VAL A 439 -5.04 -14.74 -15.34
C VAL A 439 -6.29 -15.63 -15.26
N LEU A 440 -7.47 -15.02 -15.11
CA LEU A 440 -8.70 -15.80 -15.02
C LEU A 440 -9.26 -16.19 -16.38
N GLN A 441 -8.78 -15.57 -17.46
CA GLN A 441 -9.16 -15.97 -18.80
C GLN A 441 -8.45 -17.24 -19.27
N ASN A 442 -7.46 -17.72 -18.51
CA ASN A 442 -6.68 -18.86 -18.92
C ASN A 442 -6.46 -19.92 -17.84
N PHE A 443 -6.82 -19.64 -16.58
CA PHE A 443 -6.53 -20.59 -15.52
C PHE A 443 -7.63 -20.59 -14.47
N SER A 444 -7.72 -21.70 -13.75
CA SER A 444 -8.49 -21.81 -12.52
C SER A 444 -7.54 -22.16 -11.38
N PHE A 445 -7.94 -21.82 -10.17
CA PHE A 445 -7.06 -21.91 -9.00
C PHE A 445 -7.73 -22.74 -7.92
N LYS A 446 -7.15 -23.92 -7.65
CA LYS A 446 -7.60 -24.85 -6.64
C LYS A 446 -6.66 -24.85 -5.44
N PRO A 447 -7.15 -25.15 -4.25
CA PRO A 447 -6.26 -25.21 -3.08
C PRO A 447 -5.51 -26.53 -3.01
N CYS A 448 -4.26 -26.44 -2.53
CA CYS A 448 -3.40 -27.60 -2.39
C CYS A 448 -3.49 -28.16 -0.97
N LYS A 449 -2.69 -29.20 -0.71
CA LYS A 449 -2.60 -29.73 0.65
C LYS A 449 -1.85 -28.77 1.56
N GLU A 450 -0.75 -28.20 1.07
CA GLU A 450 0.04 -27.23 1.81
C GLU A 450 -0.61 -25.85 1.84
N THR A 451 -1.80 -25.68 1.27
CA THR A 451 -2.50 -24.41 1.31
C THR A 451 -2.97 -24.13 2.74
N GLN A 452 -2.44 -23.07 3.33
CA GLN A 452 -2.80 -22.69 4.70
C GLN A 452 -4.25 -22.21 4.73
N ILE A 453 -5.12 -22.97 5.39
CA ILE A 453 -6.53 -22.65 5.49
C ILE A 453 -6.97 -22.82 6.94
N PRO A 454 -7.44 -21.76 7.62
CA PRO A 454 -7.53 -20.40 7.09
C PRO A 454 -6.18 -19.68 7.16
N LEU A 455 -6.00 -18.66 6.33
CA LEU A 455 -4.73 -17.96 6.24
C LEU A 455 -4.42 -17.24 7.55
N LYS A 456 -3.18 -17.37 8.02
CA LYS A 456 -2.73 -16.70 9.23
C LYS A 456 -1.84 -15.52 8.85
N LEU A 457 -2.19 -14.33 9.34
CA LEU A 457 -1.38 -13.15 9.11
C LEU A 457 -0.12 -13.20 9.96
N SER A 458 0.92 -12.53 9.47
CA SER A 458 2.20 -12.52 10.17
C SER A 458 2.12 -11.70 11.45
N LEU A 459 2.76 -12.21 12.50
CA LEU A 459 2.77 -11.53 13.80
C LEU A 459 3.64 -10.29 13.82
N GLY A 460 4.28 -9.94 12.70
CA GLY A 460 5.13 -8.76 12.63
C GLY A 460 4.34 -7.50 12.32
N GLY A 461 5.05 -6.53 11.75
CA GLY A 461 4.48 -5.25 11.39
C GLY A 461 4.01 -5.12 9.96
N LEU A 462 3.91 -6.22 9.23
CA LEU A 462 3.45 -6.22 7.85
C LEU A 462 2.20 -7.07 7.73
N LEU A 463 1.30 -6.64 6.84
CA LEU A 463 0.09 -7.42 6.56
C LEU A 463 0.42 -8.38 5.42
N GLN A 464 1.06 -9.48 5.80
CA GLN A 464 1.50 -10.53 4.88
C GLN A 464 1.20 -11.88 5.52
N PRO A 465 1.04 -12.92 4.71
CA PRO A 465 0.75 -14.24 5.28
C PRO A 465 1.93 -14.79 6.05
N GLU A 466 1.63 -15.55 7.11
CA GLU A 466 2.67 -16.24 7.87
C GLU A 466 3.47 -17.15 6.95
N LYS A 467 2.78 -17.99 6.18
CA LYS A 467 3.40 -18.87 5.21
C LYS A 467 3.00 -18.46 3.79
N PRO A 468 3.90 -18.62 2.82
CA PRO A 468 3.59 -18.20 1.46
C PRO A 468 2.43 -19.00 0.87
N VAL A 469 1.56 -18.29 0.14
CA VAL A 469 0.37 -18.91 -0.42
C VAL A 469 0.78 -19.84 -1.56
N VAL A 470 0.23 -21.05 -1.55
CA VAL A 470 0.50 -22.07 -2.57
C VAL A 470 -0.83 -22.67 -3.02
N LEU A 471 -1.07 -22.63 -4.33
CA LEU A 471 -2.34 -23.09 -4.89
C LEU A 471 -2.09 -23.92 -6.13
N LYS A 472 -3.12 -24.67 -6.53
CA LYS A 472 -3.10 -25.42 -7.78
C LYS A 472 -3.53 -24.52 -8.93
N VAL A 473 -2.94 -24.75 -10.10
CA VAL A 473 -3.23 -23.96 -11.29
C VAL A 473 -3.45 -24.90 -12.46
N GLU A 474 -4.65 -24.86 -13.03
CA GLU A 474 -5.02 -25.69 -14.17
C GLU A 474 -5.35 -24.79 -15.35
N SER A 475 -5.16 -25.32 -16.56
CA SER A 475 -5.41 -24.56 -17.79
CA SER A 475 -5.41 -24.56 -17.79
C SER A 475 -6.85 -24.78 -18.25
N ARG A 476 -7.49 -23.68 -18.67
CA ARG A 476 -8.85 -23.74 -19.18
C ARG A 476 -8.87 -24.10 -20.67
CHA HEM B . -0.23 6.81 0.21
CHB HEM B . -2.74 2.66 -0.11
CHC HEM B . -0.39 1.65 -4.23
CHD HEM B . 1.65 6.06 -4.21
C1A HEM B . -1.07 5.77 0.52
C2A HEM B . -1.86 5.61 1.73
C3A HEM B . -2.55 4.47 1.64
C4A HEM B . -2.24 3.86 0.37
CMA HEM B . -3.51 3.91 2.71
CAA HEM B . -1.88 6.60 2.93
CBA HEM B . -3.08 7.53 2.78
CGA HEM B . -3.16 8.40 4.00
O1A HEM B . -4.23 9.00 4.23
O2A HEM B . -2.14 8.48 4.75
C1B HEM B . -2.33 2.02 -1.25
C2B HEM B . -2.81 0.74 -1.73
C3B HEM B . -2.15 0.45 -2.88
C4B HEM B . -1.25 1.55 -3.15
CMB HEM B . -3.88 -0.09 -0.99
CAB HEM B . -2.25 -0.78 -3.82
CBB HEM B . -3.08 -1.82 -3.63
C1C HEM B . 0.31 2.76 -4.63
C2C HEM B . 0.99 2.93 -5.89
C3C HEM B . 1.56 4.14 -5.91
C4C HEM B . 1.27 4.80 -4.63
CMC HEM B . 1.04 1.90 -7.02
CAC HEM B . 2.37 4.68 -7.12
CBC HEM B . 2.85 5.92 -7.17
C1D HEM B . 1.38 6.64 -2.99
C2D HEM B . 1.91 7.88 -2.48
C3D HEM B . 1.39 8.09 -1.26
C4D HEM B . 0.50 6.98 -0.95
CMD HEM B . 2.91 8.80 -3.22
CAD HEM B . 1.68 9.30 -0.34
CBD HEM B . 0.80 10.46 -0.79
CGD HEM B . 1.17 11.73 -0.05
O1D HEM B . 0.88 12.83 -0.57
O2D HEM B . 1.77 11.63 1.06
NA HEM B . -1.33 4.68 -0.29
NB HEM B . -1.39 2.49 -2.14
NC HEM B . 0.51 3.92 -3.89
ND HEM B . 0.51 6.12 -2.03
FE HEM B . -0.46 4.33 -2.12
C20 NJO C . 5.14 -0.64 0.99
C19 NJO C . 4.29 -0.18 2.00
C17 NJO C . 6.04 1.27 2.91
C18 NJO C . 4.74 0.76 2.95
C16 NJO C . 6.54 2.31 3.92
C15 NJO C . 6.21 3.78 3.67
C13 NJO C . 6.04 6.01 5.82
C10 NJO C . 7.05 4.82 13.58
C12 NJO C . 4.75 5.19 6.29
C21 NJO C . 6.43 -0.14 0.93
C22 NJO C . 6.87 0.81 1.89
C02 NJO C . 4.96 5.66 8.87
C03 NJO C . 4.96 5.22 10.35
C04 NJO C . 6.29 5.05 11.14
C05 NJO C . 6.21 4.39 12.52
C06 NJO C . 5.35 3.33 12.83
C07 NJO C . 5.32 2.76 14.11
C08 NJO C . 6.19 3.26 15.09
C23 NJO C . 6.46 4.17 2.21
C26 NJO C . 5.72 4.89 -0.11
C27 NJO C . 4.46 4.90 -1.05
C28 NJO C . 3.36 3.84 -0.83
C29 NJO C . 2.03 4.05 -1.26
C31 NJO C . 1.23 2.00 -0.52
C32 NJO C . 2.52 1.67 -0.06
C33 NJO C . 3.58 2.59 -0.21
C34 NJO C . 3.44 5.94 5.90
C35 NJO C . 2.74 5.43 4.64
C36 NJO C . 2.93 6.03 3.39
C37 NJO C . 2.30 5.56 2.24
C38 NJO C . 1.46 4.45 2.30
C39 NJO C . 1.25 3.82 3.53
C40 NJO C . 1.90 4.31 4.67
N09 NJO C . 7.04 4.28 14.82
N11 NJO C . 4.75 4.82 7.75
N25 NJO C . 5.48 4.52 1.30
N30 NJO C . 1.00 3.19 -1.11
O01 NJO C . 5.20 6.87 8.63
O24 NJO C . 7.67 4.14 1.83
S14 NJO C . 7.18 4.98 4.77
#